data_7US1
#
_entry.id   7US1
#
_cell.length_a   83.078
_cell.length_b   83.078
_cell.length_c   253.816
_cell.angle_alpha   90.000
_cell.angle_beta   90.000
_cell.angle_gamma   120.000
#
_symmetry.space_group_name_H-M   'P 61 2 2'
#
loop_
_entity.id
_entity.type
_entity.pdbx_description
1 polymer 'E3 ubiquitin-protein ligase parkin'
2 polymer 'Ubiquitin-G76 deletion'
3 non-polymer 'ZINC ION'
4 non-polymer DI(HYDROXYETHYL)ETHER
5 non-polymer 1,2-ETHANEDIOL
6 water water
#
loop_
_entity_poly.entity_id
_entity_poly.type
_entity_poly.pdbx_seq_one_letter_code
_entity_poly.pdbx_strand_id
1 'polypeptide(L)'
;GPLGSSFFVYCKGPCHKVQPGKLRVQCGTCRQATLTLAQGPSCWDDVLIPNRMSGECQSPDCPGTRAEFFFKCGAHPTSD
KDTSVALNLITNNSRSIPCIACTDVRNPVLVFQCNHRHVICLDCFHLYCVTRLNDRQFVHDAQLGYSLPCVAGCPNSLIK
ELHHFRILGEEQYNRYQQYGAEECVLQMGGVLCPRPGCGAGLLPEQGQRKVTCEGGNGLGCGFVFCRDCKEAYHEGECDS
;
A
2 'polypeptide(L)' MQIFVKTLTGKTITLEVEPSDTIENVKAKIQDKEGIPPDQQRLIFAGKQLEDGRTLSDYNIQKE(SEP)TLHLVLRLR B,C
#
loop_
_chem_comp.id
_chem_comp.type
_chem_comp.name
_chem_comp.formula
EDO non-polymer 1,2-ETHANEDIOL 'C2 H6 O2'
PEG non-polymer DI(HYDROXYETHYL)ETHER 'C4 H10 O3'
ZN non-polymer 'ZINC ION' 'Zn 2'
#
# COMPACT_ATOMS: atom_id res chain seq x y z
N GLY A 1 13.59 10.12 -2.10
N GLY A 1 -0.80 16.18 -9.71
CA GLY A 1 13.73 10.75 -3.40
CA GLY A 1 0.11 16.12 -10.83
C GLY A 1 13.93 12.25 -3.32
C GLY A 1 1.57 16.15 -10.41
N PRO A 2 14.55 12.82 -4.36
N PRO A 2 2.09 17.36 -10.15
CA PRO A 2 14.78 14.28 -4.36
CA PRO A 2 3.51 17.47 -9.75
C PRO A 2 13.49 15.07 -4.53
C PRO A 2 3.77 16.94 -8.36
N LEU A 3 12.60 14.99 -3.54
N LEU A 3 4.99 17.15 -7.85
CA LEU A 3 11.34 15.71 -3.52
CA LEU A 3 5.39 16.64 -6.55
C LEU A 3 10.69 15.48 -2.16
C LEU A 3 5.86 17.78 -5.65
N GLY A 4 9.94 16.47 -1.70
N GLY A 4 6.46 17.41 -4.53
CA GLY A 4 9.26 16.34 -0.42
CA GLY A 4 6.93 18.37 -3.55
C GLY A 4 8.51 17.59 -0.05
C GLY A 4 6.92 17.75 -2.17
N SER A 5 8.09 17.64 1.22
N SER A 5 7.26 18.56 -1.17
CA SER A 5 7.37 18.78 1.80
CA SER A 5 7.27 18.11 0.21
C SER A 5 6.02 19.00 1.10
C SER A 5 5.88 18.08 0.84
N SER A 6 5.42 17.92 0.59
N SER A 6 4.83 18.27 0.04
CA SER A 6 4.12 18.00 -0.08
CA SER A 6 3.46 18.14 0.52
C SER A 6 3.50 16.61 -0.18
C SER A 6 2.98 16.69 0.50
N PHE A 7 3.86 15.73 0.75
CA PHE A 7 3.46 14.34 0.72
C PHE A 7 2.64 14.00 1.97
N PHE A 8 1.60 13.19 1.79
CA PHE A 8 0.77 12.72 2.88
C PHE A 8 0.61 11.21 2.76
N VAL A 9 0.92 10.49 3.84
CA VAL A 9 0.74 9.05 3.90
C VAL A 9 -0.27 8.75 5.00
N TYR A 10 -0.73 7.50 5.03
CA TYR A 10 -1.53 7.00 6.13
C TYR A 10 -0.65 6.10 6.99
N CYS A 11 -0.38 6.54 8.21
CA CYS A 11 0.39 5.76 9.16
C CYS A 11 -0.56 4.83 9.91
N LYS A 12 -0.32 3.52 9.82
CA LYS A 12 -1.15 2.54 10.51
C LYS A 12 -0.74 2.32 11.95
N GLY A 13 0.10 3.19 12.50
CA GLY A 13 0.58 3.03 13.84
C GLY A 13 2.01 3.54 13.98
N PRO A 14 2.27 4.30 15.04
CA PRO A 14 1.38 4.63 16.17
C PRO A 14 0.42 5.79 15.88
N CYS A 15 0.39 6.33 14.66
CA CYS A 15 -0.44 7.49 14.41
C CYS A 15 -1.88 7.12 14.14
N HIS A 16 -2.11 6.07 13.34
CA HIS A 16 -3.46 5.64 12.98
C HIS A 16 -4.25 6.79 12.35
N LYS A 17 -3.59 7.56 11.49
CA LYS A 17 -4.21 8.72 10.86
C LYS A 17 -3.36 9.13 9.67
N VAL A 18 -3.84 10.15 8.95
CA VAL A 18 -3.09 10.72 7.84
C VAL A 18 -2.01 11.65 8.40
N GLN A 19 -0.78 11.51 7.90
CA GLN A 19 0.36 12.25 8.41
C GLN A 19 1.21 12.70 7.24
N PRO A 20 2.03 13.75 7.44
CA PRO A 20 3.01 14.10 6.41
C PRO A 20 3.98 12.96 6.17
N GLY A 21 4.35 12.76 4.91
CA GLY A 21 5.17 11.62 4.56
C GLY A 21 6.57 11.97 4.08
N LYS A 22 7.47 11.01 4.18
CA LYS A 22 8.83 11.14 3.68
C LYS A 22 8.98 10.27 2.44
N LEU A 23 9.52 10.86 1.37
CA LEU A 23 9.78 10.12 0.14
C LEU A 23 11.17 9.50 0.23
N ARG A 24 11.26 8.20 -0.03
CA ARG A 24 12.52 7.49 -0.02
C ARG A 24 12.64 6.67 -1.30
N VAL A 25 13.85 6.20 -1.57
CA VAL A 25 14.12 5.45 -2.81
C VAL A 25 15.18 4.40 -2.51
N GLN A 26 15.02 3.23 -3.11
CA GLN A 26 15.97 2.14 -2.97
C GLN A 26 16.24 1.54 -4.34
N CYS A 27 17.34 0.80 -4.44
CA CYS A 27 17.68 0.11 -5.67
C CYS A 27 16.63 -0.97 -5.96
N GLY A 28 16.16 -1.00 -7.20
CA GLY A 28 15.12 -1.94 -7.57
C GLY A 28 15.56 -3.40 -7.60
N THR A 29 16.86 -3.67 -7.55
CA THR A 29 17.38 -5.04 -7.60
C THR A 29 17.83 -5.52 -6.22
N CYS A 30 18.79 -4.84 -5.61
CA CYS A 30 19.30 -5.27 -4.31
C CYS A 30 18.45 -4.77 -3.14
N ARG A 31 17.42 -3.97 -3.40
CA ARG A 31 16.48 -3.51 -2.38
C ARG A 31 17.16 -2.71 -1.27
N GLN A 32 18.24 -2.00 -1.60
CA GLN A 32 18.97 -1.20 -0.63
C GLN A 32 18.96 0.26 -1.05
N ALA A 33 19.08 1.15 -0.07
CA ALA A 33 19.07 2.59 -0.34
C ALA A 33 20.46 3.08 -0.74
N THR A 34 21.05 2.42 -1.74
CA THR A 34 22.37 2.78 -2.25
C THR A 34 22.31 3.32 -3.67
N LEU A 35 21.11 3.51 -4.22
CA LEU A 35 20.96 4.00 -5.59
C LEU A 35 20.81 5.51 -5.57
N THR A 36 21.62 6.19 -6.38
CA THR A 36 21.57 7.63 -6.52
C THR A 36 20.84 8.02 -7.80
N LEU A 37 20.05 9.08 -7.73
CA LEU A 37 19.25 9.55 -8.85
C LEU A 37 19.90 10.77 -9.47
N ALA A 38 20.18 10.70 -10.78
CA ALA A 38 20.73 11.85 -11.48
C ALA A 38 19.72 12.99 -11.60
N GLN A 39 18.43 12.70 -11.51
CA GLN A 39 17.39 13.70 -11.55
C GLN A 39 16.28 13.31 -10.58
N GLY A 40 15.67 14.30 -9.95
CA GLY A 40 14.58 14.07 -9.04
C GLY A 40 13.28 13.81 -9.77
N PRO A 41 12.31 13.22 -9.06
CA PRO A 41 11.00 12.99 -9.67
C PRO A 41 10.24 14.29 -9.85
N SER A 42 9.40 14.32 -10.89
CA SER A 42 8.67 15.53 -11.24
C SER A 42 7.15 15.41 -11.10
N CYS A 43 6.60 14.20 -11.12
CA CYS A 43 5.16 14.01 -11.03
C CYS A 43 4.87 12.75 -10.22
N TRP A 44 3.60 12.56 -9.87
CA TRP A 44 3.20 11.41 -9.08
C TRP A 44 3.48 10.11 -9.82
N ASP A 45 3.28 10.09 -11.14
CA ASP A 45 3.54 8.89 -11.92
C ASP A 45 5.00 8.47 -11.86
N ASP A 46 5.91 9.40 -11.58
CA ASP A 46 7.33 9.05 -11.47
C ASP A 46 7.59 8.17 -10.25
N VAL A 47 6.83 8.35 -9.18
CA VAL A 47 7.02 7.57 -7.95
C VAL A 47 5.95 6.49 -7.76
N LEU A 48 4.87 6.52 -8.53
CA LEU A 48 3.81 5.53 -8.39
C LEU A 48 3.88 4.40 -9.41
N ILE A 49 4.54 4.62 -10.55
CA ILE A 49 4.64 3.63 -11.61
C ILE A 49 6.01 2.96 -11.53
N PRO A 50 6.08 1.64 -11.54
CA PRO A 50 7.39 0.97 -11.43
C PRO A 50 8.27 1.23 -12.64
N ASN A 51 9.58 1.28 -12.38
CA ASN A 51 10.61 1.48 -13.41
C ASN A 51 10.36 2.74 -14.24
N ARG A 52 9.78 3.76 -13.62
CA ARG A 52 9.52 5.02 -14.31
C ARG A 52 10.73 5.93 -14.34
N MET A 53 11.69 5.73 -13.43
CA MET A 53 12.92 6.51 -13.40
C MET A 53 14.11 5.58 -13.26
N SER A 54 15.28 6.09 -13.63
CA SER A 54 16.51 5.32 -13.59
C SER A 54 17.54 6.04 -12.75
N GLY A 55 18.47 5.26 -12.19
CA GLY A 55 19.54 5.79 -11.38
C GLY A 55 20.76 4.91 -11.51
N GLU A 56 21.56 4.86 -10.45
CA GLU A 56 22.77 4.06 -10.44
C GLU A 56 23.03 3.58 -9.03
N CYS A 57 23.07 2.26 -8.83
CA CYS A 57 23.35 1.70 -7.53
C CYS A 57 24.84 1.82 -7.22
N GLN A 58 25.15 2.38 -6.06
CA GLN A 58 26.54 2.61 -5.66
C GLN A 58 27.16 1.39 -4.98
N SER A 59 26.52 0.22 -5.08
CA SER A 59 27.13 -0.98 -4.54
C SER A 59 28.10 -1.59 -5.55
N PRO A 60 29.27 -2.07 -5.10
CA PRO A 60 30.25 -2.60 -6.05
C PRO A 60 29.82 -3.89 -6.74
N ASP A 61 28.90 -4.65 -6.13
CA ASP A 61 28.44 -5.91 -6.70
C ASP A 61 26.99 -5.84 -7.16
N CYS A 62 26.49 -4.64 -7.47
CA CYS A 62 25.12 -4.48 -7.94
C CYS A 62 25.05 -3.40 -9.01
N PRO A 63 24.73 -3.77 -10.25
CA PRO A 63 24.62 -2.77 -11.32
C PRO A 63 23.19 -2.27 -11.48
N GLY A 64 22.44 -2.23 -10.37
CA GLY A 64 21.04 -1.85 -10.46
C GLY A 64 20.88 -0.42 -10.95
N THR A 65 19.84 -0.21 -11.76
CA THR A 65 19.51 1.12 -12.26
C THR A 65 18.08 1.54 -12.02
N ARG A 66 17.19 0.63 -11.65
CA ARG A 66 15.78 0.94 -11.49
C ARG A 66 15.53 1.58 -10.13
N ALA A 67 14.96 2.78 -10.12
CA ALA A 67 14.59 3.44 -8.88
C ALA A 67 13.25 2.93 -8.39
N GLU A 68 13.22 2.48 -7.13
CA GLU A 68 12.00 1.99 -6.49
C GLU A 68 11.68 2.91 -5.33
N PHE A 69 10.62 3.70 -5.48
CA PHE A 69 10.24 4.67 -4.46
C PHE A 69 9.29 4.05 -3.45
N PHE A 70 9.34 4.58 -2.22
CA PHE A 70 8.40 4.21 -1.18
C PHE A 70 8.31 5.37 -0.20
N PHE A 71 7.36 5.28 0.71
CA PHE A 71 7.04 6.37 1.61
C PHE A 71 7.05 5.87 3.05
N LYS A 72 7.37 6.78 3.97
CA LYS A 72 7.30 6.50 5.40
C LYS A 72 6.66 7.69 6.10
N CYS A 73 6.06 7.41 7.25
CA CYS A 73 5.51 8.50 8.07
C CYS A 73 6.62 9.43 8.50
N GLY A 74 6.32 10.73 8.55
CA GLY A 74 7.28 11.74 8.94
C GLY A 74 7.05 12.36 10.30
N ALA A 75 6.10 11.84 11.09
CA ALA A 75 5.76 12.41 12.38
C ALA A 75 6.57 11.81 13.53
N HIS A 76 7.49 10.91 13.23
CA HIS A 76 8.26 10.17 14.23
C HIS A 76 9.30 9.32 13.50
N PRO A 77 10.40 8.97 14.18
CA PRO A 77 11.37 8.06 13.55
C PRO A 77 10.72 6.73 13.16
N THR A 78 11.13 6.22 12.02
CA THR A 78 10.63 4.94 11.52
C THR A 78 11.83 4.07 11.14
N SER A 79 11.62 2.76 11.15
CA SER A 79 12.68 1.83 10.79
C SER A 79 12.98 1.96 9.29
N ASP A 80 13.97 1.19 8.84
CA ASP A 80 14.48 1.36 7.48
C ASP A 80 13.43 0.98 6.43
N LYS A 81 12.55 0.02 6.74
CA LYS A 81 11.54 -0.42 5.79
C LYS A 81 10.14 -0.42 6.41
N ASP A 82 9.91 0.43 7.41
CA ASP A 82 8.58 0.62 7.98
C ASP A 82 7.82 1.60 7.09
N THR A 83 7.25 1.06 6.02
CA THR A 83 6.63 1.89 4.99
C THR A 83 5.21 2.27 5.37
N SER A 84 4.73 3.34 4.74
CA SER A 84 3.33 3.75 4.80
C SER A 84 2.89 4.10 3.39
N VAL A 85 1.66 3.74 3.05
CA VAL A 85 1.17 3.99 1.71
C VAL A 85 0.91 5.49 1.54
N ALA A 86 1.31 6.04 0.39
CA ALA A 86 1.12 7.45 0.13
C ALA A 86 -0.27 7.70 -0.43
N LEU A 87 -0.94 8.71 0.10
CA LEU A 87 -2.27 9.11 -0.36
C LEU A 87 -2.10 10.27 -1.33
N ASN A 88 -2.00 9.93 -2.62
CA ASN A 88 -1.64 10.92 -3.63
C ASN A 88 -2.74 11.94 -3.88
N LEU A 89 -3.98 11.66 -3.48
CA LEU A 89 -5.07 12.61 -3.64
C LEU A 89 -5.12 13.64 -2.52
N ILE A 90 -4.34 13.47 -1.46
CA ILE A 90 -4.34 14.37 -0.31
C ILE A 90 -3.13 15.29 -0.43
N THR A 91 -3.36 16.60 -0.33
CA THR A 91 -2.28 17.57 -0.41
C THR A 91 -2.65 18.78 0.44
N ASN A 92 -1.71 19.70 0.56
CA ASN A 92 -1.95 20.93 1.30
C ASN A 92 -2.84 21.87 0.50
N ASN A 93 -3.77 22.53 1.20
CA ASN A 93 -4.71 23.44 0.58
C ASN A 93 -4.06 24.80 0.36
N SER A 94 -3.03 24.80 -0.50
CA SER A 94 -2.26 26.03 -0.75
C SER A 94 -3.12 27.12 -1.36
N ARG A 95 -4.13 26.74 -2.15
CA ARG A 95 -5.05 27.72 -2.72
CA ARG A 95 -5.05 27.72 -2.72
C ARG A 95 -6.14 28.14 -1.75
N SER A 96 -6.21 27.51 -0.57
CA SER A 96 -7.22 27.83 0.45
C SER A 96 -8.63 27.68 -0.11
N ILE A 97 -8.89 26.55 -0.75
CA ILE A 97 -10.20 26.27 -1.33
C ILE A 97 -11.11 25.69 -0.25
N PRO A 98 -12.31 26.22 -0.07
CA PRO A 98 -13.21 25.67 0.94
C PRO A 98 -13.70 24.28 0.57
N CYS A 99 -14.10 23.53 1.60
CA CYS A 99 -14.59 22.18 1.40
C CYS A 99 -15.93 22.22 0.66
N ILE A 100 -16.08 21.33 -0.33
CA ILE A 100 -17.31 21.28 -1.10
C ILE A 100 -18.46 20.67 -0.31
N ALA A 101 -18.21 20.17 0.89
CA ALA A 101 -19.25 19.57 1.72
C ALA A 101 -19.62 20.46 2.91
N CYS A 102 -18.66 20.75 3.79
CA CYS A 102 -18.93 21.54 4.99
C CYS A 102 -18.70 23.03 4.78
N THR A 103 -18.18 23.44 3.63
CA THR A 103 -17.91 24.85 3.32
C THR A 103 -16.96 25.48 4.35
N ASP A 104 -15.93 24.73 4.74
CA ASP A 104 -14.92 25.22 5.66
C ASP A 104 -13.55 25.00 5.04
N VAL A 105 -12.70 26.02 5.10
CA VAL A 105 -11.33 25.92 4.60
C VAL A 105 -10.51 25.11 5.60
N ARG A 106 -10.12 23.90 5.20
CA ARG A 106 -9.37 22.99 6.06
C ARG A 106 -8.03 22.67 5.41
N ASN A 107 -7.19 21.99 6.18
CA ASN A 107 -5.88 21.57 5.68
C ASN A 107 -5.37 20.39 6.50
N PRO A 108 -4.96 19.29 5.86
CA PRO A 108 -4.91 19.07 4.41
C PRO A 108 -6.29 18.74 3.84
N VAL A 109 -6.38 18.59 2.53
CA VAL A 109 -7.64 18.28 1.86
C VAL A 109 -7.39 17.19 0.81
N LEU A 110 -8.47 16.55 0.39
CA LEU A 110 -8.45 15.56 -0.68
C LEU A 110 -9.06 16.17 -1.93
N VAL A 111 -8.38 16.02 -3.05
CA VAL A 111 -8.82 16.58 -4.33
C VAL A 111 -9.13 15.42 -5.27
N PHE A 112 -10.39 15.29 -5.66
CA PHE A 112 -10.79 14.27 -6.61
C PHE A 112 -10.24 14.58 -7.99
N GLN A 113 -10.00 13.52 -8.77
CA GLN A 113 -9.47 13.66 -10.13
C GLN A 113 -10.56 13.83 -11.17
N CYS A 114 -11.66 14.49 -10.80
CA CYS A 114 -12.68 14.85 -11.77
C CYS A 114 -12.21 16.05 -12.59
N ASN A 115 -13.03 16.47 -13.54
CA ASN A 115 -12.64 17.58 -14.42
C ASN A 115 -12.49 18.89 -13.66
N HIS A 116 -13.22 19.05 -12.55
CA HIS A 116 -13.21 20.29 -11.79
C HIS A 116 -12.29 20.25 -10.57
N ARG A 117 -11.69 19.10 -10.28
CA ARG A 117 -10.77 18.94 -9.14
C ARG A 117 -11.41 19.40 -7.84
N HIS A 118 -12.56 18.79 -7.53
CA HIS A 118 -13.32 19.17 -6.35
C HIS A 118 -12.55 18.84 -5.07
N VAL A 119 -12.67 19.73 -4.09
CA VAL A 119 -11.89 19.68 -2.86
C VAL A 119 -12.80 19.27 -1.72
N ILE A 120 -12.34 18.34 -0.89
CA ILE A 120 -13.07 17.89 0.29
C ILE A 120 -12.07 17.67 1.42
N CYS A 121 -12.48 18.01 2.65
CA CYS A 121 -11.60 17.83 3.79
C CYS A 121 -11.68 16.39 4.31
N LEU A 122 -10.71 16.02 5.13
CA LEU A 122 -10.60 14.63 5.58
C LEU A 122 -11.77 14.24 6.45
N ASP A 123 -12.29 15.18 7.26
CA ASP A 123 -13.43 14.86 8.11
C ASP A 123 -14.68 14.57 7.28
N CYS A 124 -14.94 15.42 6.28
CA CYS A 124 -16.09 15.18 5.42
C CYS A 124 -15.88 13.94 4.55
N PHE A 125 -14.64 13.72 4.10
CA PHE A 125 -14.36 12.52 3.31
C PHE A 125 -14.54 11.25 4.15
N HIS A 126 -14.24 11.31 5.44
CA HIS A 126 -14.50 10.18 6.32
C HIS A 126 -15.99 9.87 6.40
N LEU A 127 -16.80 10.89 6.69
CA LEU A 127 -18.25 10.69 6.76
C LEU A 127 -18.81 10.25 5.41
N TYR A 128 -18.29 10.82 4.32
CA TYR A 128 -18.75 10.43 3.00
C TYR A 128 -18.46 8.96 2.73
N CYS A 129 -17.31 8.47 3.18
CA CYS A 129 -16.97 7.06 2.94
C CYS A 129 -17.82 6.13 3.80
N VAL A 130 -18.08 6.52 5.06
CA VAL A 130 -18.83 5.64 5.95
C VAL A 130 -20.28 5.49 5.49
N THR A 131 -20.92 6.61 5.15
CA THR A 131 -22.32 6.56 4.76
C THR A 131 -22.53 5.76 3.48
N ARG A 132 -21.65 5.96 2.49
CA ARG A 132 -21.78 5.22 1.25
C ARG A 132 -21.42 3.75 1.43
N LEU A 133 -20.57 3.44 2.41
CA LEU A 133 -20.24 2.05 2.69
C LEU A 133 -21.41 1.33 3.35
N ASN A 134 -21.99 1.94 4.39
CA ASN A 134 -23.12 1.34 5.08
C ASN A 134 -24.35 1.24 4.17
N ASP A 135 -24.51 2.18 3.25
CA ASP A 135 -25.61 2.15 2.29
C ASP A 135 -25.29 1.28 1.07
N ARG A 136 -24.16 0.58 1.07
CA ARG A 136 -23.75 -0.29 -0.03
C ARG A 136 -23.67 0.47 -1.35
N GLN A 137 -23.30 1.75 -1.29
CA GLN A 137 -23.25 2.60 -2.47
C GLN A 137 -21.87 2.59 -3.13
N PHE A 138 -20.89 1.89 -2.57
CA PHE A 138 -19.59 1.77 -3.20
C PHE A 138 -19.71 1.12 -4.57
N VAL A 139 -18.84 1.54 -5.49
CA VAL A 139 -18.83 1.04 -6.86
C VAL A 139 -17.66 0.10 -7.04
N HIS A 140 -17.89 -1.00 -7.76
CA HIS A 140 -16.86 -1.99 -8.03
C HIS A 140 -16.52 -1.97 -9.52
N ASP A 141 -15.23 -1.83 -9.83
CA ASP A 141 -14.74 -1.85 -11.20
C ASP A 141 -13.75 -2.99 -11.36
N ALA A 142 -13.85 -3.70 -12.49
CA ALA A 142 -12.98 -4.84 -12.73
C ALA A 142 -11.53 -4.44 -12.90
N GLN A 143 -11.26 -3.16 -13.21
CA GLN A 143 -9.91 -2.64 -13.36
C GLN A 143 -9.38 -1.99 -12.09
N LEU A 144 -10.19 -1.20 -11.39
CA LEU A 144 -9.73 -0.49 -10.21
C LEU A 144 -10.06 -1.23 -8.92
N GLY A 145 -11.31 -1.67 -8.77
CA GLY A 145 -11.74 -2.38 -7.58
C GLY A 145 -12.92 -1.69 -6.91
N TYR A 146 -12.96 -1.80 -5.59
CA TYR A 146 -14.03 -1.24 -4.77
C TYR A 146 -13.64 0.19 -4.40
N SER A 147 -14.35 1.17 -4.96
CA SER A 147 -13.99 2.57 -4.76
C SER A 147 -15.25 3.42 -4.80
N LEU A 148 -15.05 4.73 -4.63
CA LEU A 148 -16.09 5.75 -4.69
C LEU A 148 -15.71 6.82 -5.69
N PRO A 149 -16.70 7.41 -6.37
CA PRO A 149 -16.40 8.53 -7.26
C PRO A 149 -16.31 9.84 -6.49
N CYS A 150 -16.22 10.95 -7.21
CA CYS A 150 -16.25 12.26 -6.57
C CYS A 150 -17.54 12.43 -5.79
N VAL A 151 -17.45 13.14 -4.66
CA VAL A 151 -18.61 13.32 -3.79
C VAL A 151 -19.72 14.07 -4.51
N ALA A 152 -19.37 14.91 -5.49
CA ALA A 152 -20.36 15.65 -6.25
C ALA A 152 -21.02 14.84 -7.35
N GLY A 153 -20.49 13.66 -7.66
CA GLY A 153 -21.07 12.80 -8.67
C GLY A 153 -20.48 12.91 -10.05
N CYS A 154 -19.23 13.40 -10.16
CA CYS A 154 -18.63 13.60 -11.47
C CYS A 154 -18.19 12.25 -12.05
N PRO A 155 -18.24 12.12 -13.37
CA PRO A 155 -17.85 10.85 -14.01
C PRO A 155 -16.33 10.70 -14.06
N ASN A 156 -15.90 9.45 -14.17
CA ASN A 156 -14.48 9.09 -14.26
C ASN A 156 -13.67 9.68 -13.10
N SER A 157 -14.28 9.68 -11.92
CA SER A 157 -13.64 10.21 -10.72
C SER A 157 -13.45 9.15 -9.65
N LEU A 158 -13.39 7.88 -10.04
CA LEU A 158 -13.16 6.81 -9.08
C LEU A 158 -11.74 6.91 -8.52
N ILE A 159 -11.63 6.77 -7.20
CA ILE A 159 -10.32 6.79 -6.56
C ILE A 159 -9.56 5.53 -6.95
N LYS A 160 -8.34 5.71 -7.44
CA LYS A 160 -7.55 4.58 -7.90
C LYS A 160 -6.69 3.98 -6.79
N GLU A 161 -6.07 4.81 -5.96
CA GLU A 161 -5.30 4.33 -4.82
C GLU A 161 -6.28 4.00 -3.70
N LEU A 162 -6.70 2.73 -3.65
CA LEU A 162 -7.76 2.31 -2.73
C LEU A 162 -7.37 2.45 -1.26
N HIS A 163 -6.09 2.71 -0.96
CA HIS A 163 -5.70 2.92 0.42
C HIS A 163 -6.19 4.24 0.99
N HIS A 164 -6.75 5.13 0.15
CA HIS A 164 -7.37 6.34 0.67
C HIS A 164 -8.52 6.00 1.62
N PHE A 165 -9.14 4.83 1.45
CA PHE A 165 -10.24 4.43 2.32
C PHE A 165 -9.79 3.97 3.69
N ARG A 166 -8.49 4.08 3.99
CA ARG A 166 -8.03 3.90 5.37
C ARG A 166 -8.62 4.96 6.29
N ILE A 167 -9.11 6.07 5.74
CA ILE A 167 -9.75 7.10 6.54
C ILE A 167 -11.06 6.61 7.15
N LEU A 168 -11.58 5.48 6.65
CA LEU A 168 -12.77 4.87 7.24
C LEU A 168 -12.55 4.47 8.69
N GLY A 169 -11.30 4.32 9.12
CA GLY A 169 -11.00 3.77 10.42
C GLY A 169 -10.79 2.27 10.35
N GLU A 170 -10.15 1.74 11.40
CA GLU A 170 -9.73 0.34 11.37
C GLU A 170 -10.91 -0.61 11.18
N GLU A 171 -12.01 -0.37 11.90
CA GLU A 171 -13.15 -1.29 11.81
C GLU A 171 -13.86 -1.17 10.47
N GLN A 172 -14.21 0.06 10.06
CA GLN A 172 -14.91 0.24 8.81
C GLN A 172 -14.06 -0.08 7.59
N TYR A 173 -12.74 -0.05 7.73
CA TYR A 173 -11.87 -0.41 6.60
C TYR A 173 -11.91 -1.90 6.32
N ASN A 174 -11.90 -2.72 7.38
CA ASN A 174 -12.01 -4.16 7.19
C ASN A 174 -13.39 -4.54 6.67
N ARG A 175 -14.43 -3.78 7.04
CA ARG A 175 -15.74 -3.99 6.43
C ARG A 175 -15.72 -3.62 4.95
N TYR A 176 -14.99 -2.56 4.60
CA TYR A 176 -14.86 -2.17 3.20
C TYR A 176 -14.15 -3.26 2.40
N GLN A 177 -13.07 -3.82 2.96
CA GLN A 177 -12.39 -4.93 2.30
C GLN A 177 -13.32 -6.12 2.12
N GLN A 178 -14.11 -6.43 3.14
CA GLN A 178 -15.05 -7.55 3.05
C GLN A 178 -16.10 -7.30 1.99
N TYR A 179 -16.69 -6.09 1.97
CA TYR A 179 -17.67 -5.76 0.96
C TYR A 179 -17.07 -5.77 -0.44
N GLY A 180 -15.80 -5.35 -0.56
CA GLY A 180 -15.15 -5.41 -1.85
C GLY A 180 -14.95 -6.82 -2.35
N ALA A 181 -14.51 -7.72 -1.46
CA ALA A 181 -14.34 -9.11 -1.84
C ALA A 181 -15.67 -9.73 -2.25
N GLU A 182 -16.76 -9.35 -1.57
CA GLU A 182 -18.08 -9.86 -1.93
C GLU A 182 -18.51 -9.37 -3.30
N GLU A 183 -18.43 -8.06 -3.52
CA GLU A 183 -18.79 -7.52 -4.84
C GLU A 183 -17.86 -8.03 -5.93
N CYS A 184 -16.62 -8.37 -5.58
CA CYS A 184 -15.71 -8.94 -6.56
C CYS A 184 -16.18 -10.31 -7.01
N VAL A 185 -16.64 -11.15 -6.07
CA VAL A 185 -17.16 -12.47 -6.41
C VAL A 185 -18.37 -12.34 -7.33
N LEU A 186 -19.28 -11.42 -6.98
CA LEU A 186 -20.45 -11.19 -7.84
C LEU A 186 -20.04 -10.66 -9.21
N GLN A 187 -18.91 -9.94 -9.28
CA GLN A 187 -18.44 -9.43 -10.56
C GLN A 187 -17.90 -10.54 -11.44
N MET A 188 -17.29 -11.57 -10.85
CA MET A 188 -16.82 -12.72 -11.61
C MET A 188 -17.93 -13.68 -12.00
N GLY A 189 -19.19 -13.33 -11.72
CA GLY A 189 -20.30 -14.21 -11.99
C GLY A 189 -20.66 -15.16 -10.87
N GLY A 190 -19.96 -15.10 -9.73
CA GLY A 190 -20.23 -15.96 -8.62
C GLY A 190 -21.46 -15.54 -7.84
N VAL A 191 -21.67 -16.21 -6.71
CA VAL A 191 -22.82 -15.97 -5.85
C VAL A 191 -22.39 -16.14 -4.40
N LEU A 192 -23.01 -15.36 -3.52
CA LEU A 192 -22.77 -15.46 -2.09
C LEU A 192 -23.72 -16.50 -1.49
N CYS A 193 -23.19 -17.30 -0.57
CA CYS A 193 -23.98 -18.33 0.07
C CYS A 193 -25.10 -17.70 0.89
N PRO A 194 -26.37 -18.05 0.65
CA PRO A 194 -27.46 -17.40 1.38
C PRO A 194 -27.61 -17.86 2.81
N ARG A 195 -27.02 -18.98 3.19
CA ARG A 195 -27.12 -19.48 4.55
C ARG A 195 -26.44 -18.51 5.52
N PRO A 196 -27.17 -17.94 6.48
CA PRO A 196 -26.55 -16.97 7.39
C PRO A 196 -25.45 -17.60 8.24
N GLY A 197 -24.42 -16.81 8.50
CA GLY A 197 -23.25 -17.26 9.22
C GLY A 197 -22.14 -17.80 8.33
N CYS A 198 -22.49 -18.32 7.16
CA CYS A 198 -21.49 -18.85 6.25
C CYS A 198 -20.90 -17.72 5.40
N GLY A 199 -21.73 -17.11 4.56
CA GLY A 199 -21.29 -16.04 3.68
C GLY A 199 -20.13 -16.36 2.77
N ALA A 200 -20.04 -17.60 2.28
CA ALA A 200 -18.91 -17.99 1.46
C ALA A 200 -18.94 -17.32 0.09
N GLY A 201 -17.77 -17.23 -0.52
CA GLY A 201 -17.65 -16.74 -1.88
C GLY A 201 -17.49 -17.88 -2.86
N LEU A 202 -18.57 -18.22 -3.57
CA LEU A 202 -18.60 -19.39 -4.43
C LEU A 202 -18.50 -18.98 -5.89
N LEU A 203 -17.70 -19.73 -6.65
CA LEU A 203 -17.50 -19.49 -8.08
C LEU A 203 -17.84 -20.76 -8.86
N PRO A 204 -19.12 -21.11 -8.95
CA PRO A 204 -19.51 -22.28 -9.73
C PRO A 204 -19.51 -21.94 -11.22
N GLU A 205 -19.76 -22.96 -12.03
CA GLU A 205 -19.85 -22.76 -13.47
C GLU A 205 -21.12 -21.97 -13.80
N GLN A 206 -21.07 -21.27 -14.95
CA GLN A 206 -22.14 -20.34 -15.29
C GLN A 206 -23.46 -21.07 -15.56
N GLY A 207 -23.39 -22.24 -16.18
CA GLY A 207 -24.59 -22.96 -16.55
C GLY A 207 -25.30 -23.62 -15.37
N GLN A 208 -24.53 -24.16 -14.42
CA GLN A 208 -25.10 -24.93 -13.33
C GLN A 208 -25.93 -24.03 -12.42
N ARG A 209 -27.22 -24.36 -12.28
CA ARG A 209 -28.06 -23.73 -11.27
C ARG A 209 -27.88 -24.36 -9.89
N LYS A 210 -27.24 -25.52 -9.82
CA LYS A 210 -26.90 -26.13 -8.54
C LYS A 210 -25.64 -25.47 -7.98
N VAL A 211 -25.70 -25.05 -6.73
CA VAL A 211 -24.55 -24.48 -6.04
C VAL A 211 -24.28 -25.33 -4.81
N THR A 212 -23.14 -25.99 -4.79
CA THR A 212 -22.72 -26.81 -3.66
C THR A 212 -21.63 -26.03 -2.91
N CYS A 213 -22.03 -25.37 -1.83
CA CYS A 213 -21.09 -24.66 -0.96
C CYS A 213 -20.12 -25.76 -0.54
N GLU A 214 -18.88 -25.68 -1.01
CA GLU A 214 -17.94 -26.78 -0.81
C GLU A 214 -16.55 -26.31 -1.22
N GLY A 215 -15.63 -26.25 -0.26
CA GLY A 215 -14.26 -25.89 -0.55
C GLY A 215 -13.27 -26.77 0.18
N GLY A 216 -13.65 -27.24 1.36
CA GLY A 216 -12.81 -28.08 2.17
C GLY A 216 -13.06 -27.84 3.65
N ASN A 217 -11.98 -27.82 4.42
CA ASN A 217 -12.05 -27.65 5.87
C ASN A 217 -12.47 -26.23 6.19
N GLY A 218 -13.71 -26.05 6.63
CA GLY A 218 -14.21 -24.74 6.97
C GLY A 218 -14.36 -23.77 5.83
N LEU A 219 -14.16 -24.22 4.59
CA LEU A 219 -14.29 -23.37 3.42
C LEU A 219 -15.69 -23.36 2.84
N GLY A 220 -16.58 -24.21 3.33
CA GLY A 220 -17.95 -24.24 2.86
C GLY A 220 -18.85 -24.87 3.89
N CYS A 221 -20.13 -24.51 3.84
CA CYS A 221 -21.11 -25.00 4.81
C CYS A 221 -21.92 -26.18 4.29
N GLY A 222 -21.76 -26.56 3.02
CA GLY A 222 -22.42 -27.72 2.47
C GLY A 222 -23.86 -27.53 2.07
N PHE A 223 -24.33 -26.28 2.00
CA PHE A 223 -25.72 -25.99 1.66
C PHE A 223 -25.89 -25.95 0.13
N VAL A 224 -26.84 -26.74 -0.37
CA VAL A 224 -27.15 -26.81 -1.78
C VAL A 224 -28.37 -25.94 -2.07
N PHE A 225 -28.23 -25.01 -3.01
CA PHE A 225 -29.29 -24.05 -3.28
C PHE A 225 -29.27 -23.69 -4.76
N CYS A 226 -30.19 -22.81 -5.15
CA CYS A 226 -30.36 -22.36 -6.52
C CYS A 226 -29.85 -20.93 -6.67
N ARG A 227 -29.21 -20.66 -7.81
CA ARG A 227 -28.61 -19.34 -8.02
C ARG A 227 -29.66 -18.23 -8.08
N ASP A 228 -30.87 -18.55 -8.51
CA ASP A 228 -31.89 -17.53 -8.76
C ASP A 228 -32.68 -17.18 -7.49
N CYS A 229 -33.29 -18.19 -6.87
CA CYS A 229 -34.12 -17.92 -5.69
C CYS A 229 -33.30 -17.87 -4.41
N LYS A 230 -32.16 -18.56 -4.36
CA LYS A 230 -31.27 -18.56 -3.19
C LYS A 230 -31.99 -19.00 -1.93
N GLU A 231 -32.90 -19.97 -2.07
CA GLU A 231 -33.65 -20.50 -0.94
C GLU A 231 -33.28 -21.94 -0.64
N ALA A 232 -33.42 -22.83 -1.62
CA ALA A 232 -33.06 -24.24 -1.49
C ALA A 232 -33.05 -24.84 -2.89
N TYR A 233 -32.23 -25.87 -3.07
CA TYR A 233 -32.07 -26.44 -4.40
C TYR A 233 -33.34 -27.16 -4.85
N HIS A 234 -33.68 -27.01 -6.13
CA HIS A 234 -34.86 -27.63 -6.70
C HIS A 234 -34.56 -27.99 -8.15
N GLU A 235 -35.46 -28.78 -8.74
CA GLU A 235 -35.34 -29.18 -10.13
C GLU A 235 -36.20 -28.35 -11.06
N GLY A 236 -37.07 -27.50 -10.53
CA GLY A 236 -37.92 -26.67 -11.36
C GLY A 236 -38.81 -25.82 -10.49
N GLU A 237 -39.62 -25.00 -11.16
CA GLU A 237 -40.52 -24.05 -10.50
C GLU A 237 -39.76 -23.19 -9.50
N CYS A 238 -38.92 -22.32 -10.06
CA CYS A 238 -38.05 -21.49 -9.24
C CYS A 238 -38.82 -20.46 -8.42
N ASP A 239 -40.09 -20.22 -8.75
CA ASP A 239 -40.90 -19.30 -7.99
C ASP A 239 -41.15 -19.83 -6.57
N SER A 240 -41.61 -18.94 -5.71
CA SER A 240 -41.87 -19.29 -4.31
C SER A 240 -43.06 -20.24 -4.21
N MET B 1 7.91 -9.62 6.30
CA MET B 1 6.75 -9.08 7.01
C MET B 1 5.63 -10.11 7.08
N GLN B 2 4.55 -9.76 7.78
CA GLN B 2 3.41 -10.63 7.95
C GLN B 2 2.19 -10.03 7.27
N ILE B 3 1.43 -10.87 6.58
CA ILE B 3 0.14 -10.50 6.01
C ILE B 3 -0.88 -11.57 6.41
N PHE B 4 -2.15 -11.22 6.25
CA PHE B 4 -3.24 -12.11 6.60
C PHE B 4 -4.07 -12.43 5.37
N VAL B 5 -4.53 -13.68 5.28
CA VAL B 5 -5.40 -14.14 4.21
C VAL B 5 -6.67 -14.67 4.86
N LYS B 6 -7.81 -14.05 4.54
CA LYS B 6 -9.09 -14.40 5.13
C LYS B 6 -10.05 -14.87 4.04
N THR B 7 -10.78 -15.94 4.34
CA THR B 7 -11.87 -16.36 3.49
C THR B 7 -13.15 -15.62 3.89
N LEU B 8 -14.11 -15.58 2.97
CA LEU B 8 -15.37 -14.91 3.27
C LEU B 8 -16.17 -15.63 4.35
N THR B 9 -15.84 -16.90 4.63
CA THR B 9 -16.50 -17.59 5.73
C THR B 9 -15.99 -17.11 7.08
N GLY B 10 -14.73 -16.69 7.16
CA GLY B 10 -14.18 -16.18 8.39
C GLY B 10 -12.84 -16.77 8.75
N LYS B 11 -12.39 -17.76 7.99
CA LYS B 11 -11.13 -18.42 8.31
C LYS B 11 -9.96 -17.54 7.94
N THR B 12 -8.99 -17.44 8.86
CA THR B 12 -7.85 -16.52 8.73
C THR B 12 -6.54 -17.30 8.76
N ILE B 13 -5.60 -16.90 7.92
CA ILE B 13 -4.29 -17.53 7.81
C ILE B 13 -3.22 -16.44 7.85
N THR B 14 -2.10 -16.73 8.50
CA THR B 14 -0.98 -15.81 8.60
C THR B 14 0.16 -16.30 7.73
N LEU B 15 0.76 -15.39 6.97
CA LEU B 15 1.84 -15.72 6.05
C LEU B 15 3.03 -14.81 6.29
N GLU B 16 4.22 -15.36 6.12
CA GLU B 16 5.47 -14.61 6.20
C GLU B 16 5.92 -14.31 4.78
N VAL B 17 5.78 -13.05 4.35
CA VAL B 17 6.05 -12.64 2.99
C VAL B 17 6.97 -11.43 2.99
N GLU B 18 7.41 -11.06 1.79
CA GLU B 18 8.16 -9.85 1.51
C GLU B 18 7.41 -9.01 0.49
N PRO B 19 7.57 -7.68 0.51
CA PRO B 19 6.86 -6.85 -0.47
C PRO B 19 7.16 -7.22 -1.91
N SER B 20 8.35 -7.77 -2.18
CA SER B 20 8.73 -8.19 -3.52
C SER B 20 8.13 -9.54 -3.91
N ASP B 21 7.58 -10.28 -2.95
CA ASP B 21 6.98 -11.57 -3.27
C ASP B 21 5.83 -11.40 -4.26
N THR B 22 5.76 -12.30 -5.23
CA THR B 22 4.69 -12.26 -6.20
C THR B 22 3.43 -12.92 -5.63
N ILE B 23 2.30 -12.60 -6.26
CA ILE B 23 1.04 -13.23 -5.89
C ILE B 23 1.12 -14.74 -6.10
N GLU B 24 1.90 -15.17 -7.09
CA GLU B 24 2.12 -16.60 -7.30
C GLU B 24 2.87 -17.21 -6.12
N ASN B 25 3.86 -16.50 -5.58
CA ASN B 25 4.55 -16.99 -4.39
C ASN B 25 3.61 -17.01 -3.19
N VAL B 26 2.72 -16.02 -3.08
CA VAL B 26 1.76 -15.99 -1.99
C VAL B 26 0.83 -17.20 -2.07
N LYS B 27 0.36 -17.54 -3.27
CA LYS B 27 -0.50 -18.71 -3.42
C LYS B 27 0.26 -20.00 -3.13
N ALA B 28 1.58 -20.00 -3.32
CA ALA B 28 2.36 -21.18 -3.00
C ALA B 28 2.48 -21.36 -1.49
N LYS B 29 2.70 -20.27 -0.76
CA LYS B 29 2.72 -20.33 0.69
C LYS B 29 1.38 -20.78 1.26
N ILE B 30 0.28 -20.41 0.59
CA ILE B 30 -1.04 -20.85 1.03
C ILE B 30 -1.18 -22.36 0.89
N GLN B 31 -0.68 -22.92 -0.22
CA GLN B 31 -0.73 -24.36 -0.41
C GLN B 31 0.15 -25.10 0.59
N ASP B 32 1.29 -24.50 0.96
CA ASP B 32 2.18 -25.16 1.93
C ASP B 32 1.59 -25.23 3.32
N LYS B 33 0.54 -24.45 3.61
CA LYS B 33 -0.08 -24.44 4.92
C LYS B 33 -1.54 -24.89 4.93
N GLU B 34 -2.23 -24.83 3.79
CA GLU B 34 -3.63 -25.22 3.72
C GLU B 34 -3.91 -26.36 2.75
N GLY B 35 -2.95 -26.72 1.89
CA GLY B 35 -3.18 -27.77 0.92
C GLY B 35 -4.08 -27.40 -0.24
N ILE B 36 -4.40 -26.12 -0.39
CA ILE B 36 -5.24 -25.65 -1.49
C ILE B 36 -4.34 -25.43 -2.70
N PRO B 37 -4.55 -26.15 -3.80
CA PRO B 37 -3.71 -25.95 -4.99
C PRO B 37 -3.88 -24.55 -5.54
N PRO B 38 -2.78 -23.92 -5.98
CA PRO B 38 -2.87 -22.51 -6.39
C PRO B 38 -3.78 -22.26 -7.58
N ASP B 39 -3.99 -23.27 -8.43
CA ASP B 39 -4.86 -23.06 -9.59
C ASP B 39 -6.29 -22.76 -9.16
N GLN B 40 -6.72 -23.29 -8.01
CA GLN B 40 -8.06 -23.04 -7.50
C GLN B 40 -8.15 -21.78 -6.65
N GLN B 41 -7.02 -21.10 -6.41
CA GLN B 41 -7.00 -19.94 -5.53
C GLN B 41 -7.21 -18.66 -6.32
N ARG B 42 -8.05 -17.78 -5.79
CA ARG B 42 -8.28 -16.45 -6.35
C ARG B 42 -8.14 -15.44 -5.21
N LEU B 43 -7.07 -14.66 -5.25
CA LEU B 43 -6.78 -13.68 -4.21
C LEU B 43 -7.38 -12.33 -4.59
N ILE B 44 -7.95 -11.65 -3.59
CA ILE B 44 -8.62 -10.37 -3.78
C ILE B 44 -8.15 -9.43 -2.70
N PHE B 45 -7.81 -8.20 -3.08
CA PHE B 45 -7.46 -7.14 -2.14
C PHE B 45 -8.22 -5.89 -2.52
N ALA B 46 -9.05 -5.41 -1.61
CA ALA B 46 -9.89 -4.22 -1.82
C ALA B 46 -10.73 -4.37 -3.09
N GLY B 47 -11.36 -5.54 -3.23
CA GLY B 47 -12.23 -5.82 -4.35
C GLY B 47 -11.55 -6.05 -5.67
N LYS B 48 -10.22 -6.03 -5.71
CA LYS B 48 -9.46 -6.14 -6.95
C LYS B 48 -8.75 -7.49 -6.99
N GLN B 49 -8.96 -8.24 -8.07
CA GLN B 49 -8.33 -9.54 -8.22
C GLN B 49 -6.83 -9.38 -8.46
N LEU B 50 -6.04 -10.21 -7.78
CA LEU B 50 -4.59 -10.08 -7.81
C LEU B 50 -4.00 -11.00 -8.87
N GLU B 51 -3.20 -10.41 -9.77
CA GLU B 51 -2.58 -11.17 -10.86
C GLU B 51 -1.35 -11.91 -10.35
N ASP B 52 -1.20 -13.16 -10.82
CA ASP B 52 -0.13 -14.01 -10.32
C ASP B 52 1.26 -13.42 -10.59
N GLY B 53 1.42 -12.73 -11.72
CA GLY B 53 2.71 -12.16 -12.05
C GLY B 53 3.06 -10.92 -11.24
N ARG B 54 2.07 -10.28 -10.63
CA ARG B 54 2.29 -9.06 -9.87
C ARG B 54 2.85 -9.37 -8.49
N THR B 55 3.36 -8.33 -7.83
CA THR B 55 3.89 -8.43 -6.48
C THR B 55 2.98 -7.69 -5.51
N LEU B 56 3.22 -7.93 -4.22
CA LEU B 56 2.43 -7.27 -3.19
C LEU B 56 2.67 -5.77 -3.19
N SER B 57 3.91 -5.35 -3.46
CA SER B 57 4.21 -3.92 -3.51
C SER B 57 3.53 -3.24 -4.69
N ASP B 58 3.24 -3.99 -5.75
CA ASP B 58 2.49 -3.42 -6.87
C ASP B 58 1.13 -2.90 -6.42
N TYR B 59 0.49 -3.62 -5.50
CA TYR B 59 -0.78 -3.21 -4.94
C TYR B 59 -0.63 -2.39 -3.66
N ASN B 60 0.62 -2.07 -3.28
CA ASN B 60 0.91 -1.30 -2.06
C ASN B 60 0.37 -2.00 -0.81
N ILE B 61 0.30 -3.32 -0.84
CA ILE B 61 -0.21 -4.08 0.30
C ILE B 61 0.79 -3.99 1.44
N GLN B 62 0.38 -3.39 2.56
CA GLN B 62 1.25 -3.13 3.68
C GLN B 62 1.33 -4.34 4.60
N LYS B 63 2.18 -4.24 5.62
CA LYS B 63 2.29 -5.30 6.61
C LYS B 63 0.99 -5.44 7.39
N GLU B 64 0.64 -6.68 7.73
CA GLU B 64 -0.55 -7.00 8.52
C GLU B 64 -1.84 -6.53 7.84
N SEP B 65 -1.77 -6.32 6.52
CA SEP B 65 -2.97 -6.03 5.75
CB SEP B 65 -2.65 -5.14 4.55
OG SEP B 65 -2.68 -3.80 5.02
C SEP B 65 -3.58 -7.34 5.35
O SEP B 65 -2.88 -8.39 5.41
P SEP B 65 -3.14 -2.58 4.08
O1P SEP B 65 -2.68 -1.34 4.83
O2P SEP B 65 -4.64 -2.75 4.01
O3P SEP B 65 -2.42 -2.81 2.77
N THR B 66 -4.84 -7.33 4.94
CA THR B 66 -5.56 -8.57 4.70
C THR B 66 -5.89 -8.80 3.23
N LEU B 67 -5.57 -10.00 2.74
CA LEU B 67 -5.96 -10.47 1.44
C LEU B 67 -7.13 -11.43 1.58
N HIS B 68 -8.03 -11.43 0.60
CA HIS B 68 -9.18 -12.31 0.62
C HIS B 68 -9.00 -13.45 -0.37
N LEU B 69 -9.37 -14.65 0.06
CA LEU B 69 -9.20 -15.87 -0.72
C LEU B 69 -10.56 -16.49 -1.01
N VAL B 70 -10.85 -16.67 -2.30
CA VAL B 70 -12.04 -17.39 -2.74
C VAL B 70 -11.57 -18.53 -3.64
N LEU B 71 -12.24 -19.68 -3.53
CA LEU B 71 -11.83 -20.89 -4.23
C LEU B 71 -12.63 -21.04 -5.53
N ARG B 72 -11.93 -21.50 -6.57
CA ARG B 72 -12.54 -21.75 -7.89
C ARG B 72 -12.27 -23.20 -8.24
N LEU B 73 -13.28 -24.05 -8.03
CA LEU B 73 -13.18 -25.48 -8.30
C LEU B 73 -13.98 -25.75 -9.59
N ARG B 74 -13.28 -25.73 -10.72
CA ARG B 74 -13.93 -25.95 -12.01
C ARG B 74 -13.32 -27.15 -12.74
N MET C 1 20.95 13.70 19.41
CA MET C 1 20.06 12.70 18.83
C MET C 1 20.87 11.58 18.18
N GLN C 2 20.19 10.47 17.86
CA GLN C 2 20.83 9.33 17.23
C GLN C 2 20.49 9.28 15.75
N ILE C 3 21.46 8.86 14.94
CA ILE C 3 21.24 8.50 13.54
C ILE C 3 21.95 7.18 13.29
N PHE C 4 21.48 6.47 12.26
CA PHE C 4 21.99 5.15 11.94
C PHE C 4 22.71 5.17 10.61
N VAL C 5 23.80 4.40 10.52
CA VAL C 5 24.58 4.27 9.30
C VAL C 5 24.66 2.78 8.98
N LYS C 6 24.13 2.40 7.83
CA LYS C 6 24.18 1.02 7.35
C LYS C 6 25.36 0.86 6.40
N THR C 7 26.16 -0.17 6.63
CA THR C 7 27.33 -0.45 5.82
C THR C 7 27.06 -1.61 4.87
N LEU C 8 27.98 -1.81 3.93
CA LEU C 8 27.85 -2.92 2.98
C LEU C 8 27.95 -4.27 3.67
N THR C 9 28.59 -4.34 4.84
CA THR C 9 28.69 -5.57 5.60
C THR C 9 27.46 -5.84 6.46
N GLY C 10 26.35 -5.12 6.25
CA GLY C 10 25.11 -5.44 6.91
C GLY C 10 24.94 -4.77 8.26
N LYS C 11 26.04 -4.51 8.95
CA LYS C 11 25.97 -3.95 10.29
C LYS C 11 25.56 -2.49 10.26
N THR C 12 24.81 -2.09 11.28
CA THR C 12 24.26 -0.74 11.39
C THR C 12 24.96 0.00 12.52
N ILE C 13 25.65 1.08 12.18
CA ILE C 13 26.33 1.91 13.18
C ILE C 13 25.34 2.91 13.75
N THR C 14 25.45 3.16 15.05
CA THR C 14 24.62 4.15 15.72
C THR C 14 25.50 5.34 16.11
N LEU C 15 25.14 6.52 15.62
CA LEU C 15 25.91 7.73 15.84
C LEU C 15 25.12 8.70 16.70
N GLU C 16 25.83 9.45 17.54
CA GLU C 16 25.24 10.52 18.33
C GLU C 16 25.64 11.84 17.68
N VAL C 17 24.64 12.57 17.16
CA VAL C 17 24.88 13.77 16.38
C VAL C 17 23.88 14.85 16.82
N GLU C 18 24.13 16.07 16.34
CA GLU C 18 23.19 17.16 16.41
C GLU C 18 22.81 17.60 15.00
N PRO C 19 21.61 18.15 14.80
CA PRO C 19 21.22 18.62 13.47
C PRO C 19 22.23 19.54 12.81
N SER C 20 23.03 20.26 13.58
CA SER C 20 24.01 21.20 13.07
C SER C 20 25.33 20.56 12.68
N ASP C 21 25.51 19.26 12.93
CA ASP C 21 26.74 18.59 12.56
C ASP C 21 26.91 18.54 11.05
N THR C 22 28.14 18.76 10.59
CA THR C 22 28.42 18.69 9.17
C THR C 22 28.64 17.24 8.74
N ILE C 23 28.61 17.01 7.44
CA ILE C 23 28.84 15.68 6.91
C ILE C 23 30.28 15.24 7.20
N GLU C 24 31.21 16.20 7.25
CA GLU C 24 32.58 15.87 7.65
C GLU C 24 32.63 15.38 9.09
N ASN C 25 31.86 16.03 9.98
CA ASN C 25 31.80 15.58 11.36
C ASN C 25 31.23 14.17 11.45
N VAL C 26 30.21 13.88 10.65
CA VAL C 26 29.61 12.55 10.65
C VAL C 26 30.63 11.51 10.17
N LYS C 27 31.39 11.83 9.12
CA LYS C 27 32.43 10.91 8.66
C LYS C 27 33.49 10.70 9.73
N ALA C 28 33.79 11.73 10.53
CA ALA C 28 34.73 11.56 11.64
C ALA C 28 34.16 10.62 12.69
N LYS C 29 32.85 10.71 12.96
CA LYS C 29 32.24 9.79 13.91
C LYS C 29 32.21 8.37 13.39
N ILE C 30 32.11 8.19 12.06
CA ILE C 30 32.15 6.86 11.48
C ILE C 30 33.55 6.25 11.62
N GLN C 31 34.59 7.08 11.53
CA GLN C 31 35.94 6.58 11.73
C GLN C 31 36.18 6.17 13.18
N ASP C 32 35.58 6.90 14.13
CA ASP C 32 35.72 6.55 15.54
C ASP C 32 35.04 5.24 15.89
N LYS C 33 34.13 4.76 15.04
CA LYS C 33 33.39 3.53 15.31
C LYS C 33 33.89 2.34 14.50
N GLU C 34 34.36 2.56 13.27
CA GLU C 34 34.75 1.48 12.38
C GLU C 34 36.17 1.58 11.85
N GLY C 35 36.84 2.72 12.02
CA GLY C 35 38.19 2.88 11.53
C GLY C 35 38.31 3.25 10.06
N ILE C 36 37.19 3.44 9.37
CA ILE C 36 37.22 3.83 7.96
C ILE C 36 37.56 5.31 7.87
N PRO C 37 38.68 5.68 7.22
CA PRO C 37 39.02 7.10 7.11
C PRO C 37 37.99 7.83 6.27
N PRO C 38 37.78 9.13 6.52
CA PRO C 38 36.71 9.84 5.81
C PRO C 38 36.94 10.01 4.32
N ASP C 39 38.19 9.91 3.84
CA ASP C 39 38.44 10.03 2.41
C ASP C 39 37.90 8.84 1.62
N GLN C 40 37.66 7.71 2.28
CA GLN C 40 37.10 6.53 1.65
C GLN C 40 35.59 6.42 1.85
N GLN C 41 35.00 7.32 2.63
CA GLN C 41 33.58 7.23 2.97
C GLN C 41 32.72 7.96 1.96
N ARG C 42 31.62 7.32 1.57
CA ARG C 42 30.58 7.95 0.78
C ARG C 42 29.24 7.67 1.44
N LEU C 43 28.49 8.72 1.72
CA LEU C 43 27.22 8.61 2.43
C LEU C 43 26.07 8.85 1.44
N ILE C 44 25.06 8.00 1.50
CA ILE C 44 23.90 8.07 0.61
C ILE C 44 22.66 8.28 1.44
N PHE C 45 21.87 9.30 1.09
CA PHE C 45 20.61 9.56 1.77
C PHE C 45 19.61 10.11 0.76
N ALA C 46 18.45 9.46 0.69
CA ALA C 46 17.34 9.90 -0.16
C ALA C 46 17.78 10.04 -1.61
N GLY C 47 18.51 9.04 -2.10
CA GLY C 47 18.96 9.02 -3.47
C GLY C 47 20.01 10.05 -3.83
N LYS C 48 20.63 10.69 -2.84
CA LYS C 48 21.62 11.73 -3.07
C LYS C 48 22.87 11.42 -2.28
N GLN C 49 24.02 11.78 -2.85
CA GLN C 49 25.29 11.64 -2.15
C GLN C 49 25.58 12.91 -1.37
N LEU C 50 25.92 12.76 -0.09
CA LEU C 50 26.06 13.89 0.81
C LEU C 50 27.43 14.55 0.61
N GLU C 51 27.44 15.87 0.49
CA GLU C 51 28.67 16.63 0.31
C GLU C 51 29.22 17.08 1.66
N ASP C 52 30.54 17.21 1.73
CA ASP C 52 31.21 17.53 3.00
C ASP C 52 30.91 18.94 3.50
N GLY C 53 30.34 19.81 2.68
CA GLY C 53 30.10 21.17 3.10
C GLY C 53 28.82 21.38 3.88
N ARG C 54 27.79 20.58 3.61
CA ARG C 54 26.48 20.79 4.19
C ARG C 54 26.41 20.19 5.59
N THR C 55 25.24 20.31 6.21
CA THR C 55 24.96 19.74 7.51
C THR C 55 23.79 18.76 7.40
N LEU C 56 23.53 18.07 8.52
CA LEU C 56 22.43 17.11 8.55
C LEU C 56 21.08 17.81 8.35
N SER C 57 20.93 19.03 8.89
CA SER C 57 19.71 19.77 8.68
C SER C 57 19.58 20.27 7.25
N ASP C 58 20.70 20.42 6.53
CA ASP C 58 20.63 20.85 5.13
C ASP C 58 20.05 19.76 4.24
N TYR C 59 20.19 18.49 4.62
CA TYR C 59 19.63 17.38 3.87
C TYR C 59 18.36 16.82 4.51
N ASN C 60 17.75 17.56 5.42
CA ASN C 60 16.50 17.16 6.08
C ASN C 60 16.65 15.80 6.77
N ILE C 61 17.85 15.51 7.28
CA ILE C 61 18.12 14.24 7.95
C ILE C 61 17.69 14.38 9.41
N GLN C 62 16.61 13.68 9.77
CA GLN C 62 16.01 13.84 11.08
C GLN C 62 16.49 12.73 12.03
N LYS C 63 16.03 12.81 13.27
CA LYS C 63 16.47 11.89 14.31
C LYS C 63 16.15 10.45 13.95
N GLU C 64 17.13 9.57 14.15
CA GLU C 64 16.98 8.13 13.98
C GLU C 64 16.56 7.74 12.56
N SEP C 65 17.03 8.49 11.58
CA SEP C 65 16.88 8.07 10.21
CB SEP C 65 16.61 9.25 9.28
OG SEP C 65 16.34 8.70 7.99
C SEP C 65 18.15 7.36 9.85
O SEP C 65 19.04 7.24 10.72
P SEP C 65 14.82 8.58 7.46
O1P SEP C 65 14.27 9.97 7.64
O2P SEP C 65 14.97 8.13 6.02
O3P SEP C 65 14.22 7.53 8.37
N THR C 66 18.27 6.88 8.62
CA THR C 66 19.40 6.03 8.27
C THR C 66 20.19 6.54 7.08
N LEU C 67 21.51 6.60 7.25
CA LEU C 67 22.44 6.86 6.16
C LEU C 67 23.02 5.54 5.69
N HIS C 68 23.42 5.49 4.42
CA HIS C 68 24.03 4.29 3.84
C HIS C 68 25.45 4.61 3.41
N LEU C 69 26.40 3.86 3.96
CA LEU C 69 27.82 4.06 3.70
C LEU C 69 28.30 3.09 2.64
N VAL C 70 28.92 3.63 1.59
CA VAL C 70 29.63 2.84 0.58
C VAL C 70 31.04 3.39 0.47
N LEU C 71 31.97 2.54 0.08
CA LEU C 71 33.38 2.91 0.02
C LEU C 71 33.72 3.47 -1.35
N ARG C 72 34.68 4.40 -1.36
CA ARG C 72 35.11 5.06 -2.59
C ARG C 72 35.90 4.10 -3.49
ZN ZN D . -16.06 16.35 -8.86
ZN ZN E . -34.50 -21.47 -7.78
ZN ZN F . 21.46 -2.25 -5.95
ZN ZN G . -15.64 19.38 4.91
ZN ZN H . -22.29 -21.85 2.68
ZN ZN I . 3.12 7.86 12.08
C1 PEG J . -7.64 10.51 8.83
O1 PEG J . -7.25 11.86 8.97
C2 PEG J . -8.03 9.92 10.14
O2 PEG J . -8.26 8.52 9.98
C3 PEG J . -8.93 7.94 11.09
C4 PEG J . -10.32 8.47 11.17
O4 PEG J . -11.13 7.69 12.04
C1 EDO K . -5.68 8.33 -7.61
O1 EDO K . -6.21 7.34 -6.71
C2 EDO K . -6.68 8.58 -8.74
O2 EDO K . -7.94 8.99 -8.20
C1 EDO L . -4.67 0.01 -3.83
O1 EDO L . -5.20 0.91 -4.81
C2 EDO L . -4.48 -1.36 -4.46
O2 EDO L . -3.50 -1.26 -5.50
C1 EDO M . 5.75 -19.01 4.39
O1 EDO M . 6.45 -17.81 4.73
C2 EDO M . 4.28 -18.82 4.66
O2 EDO M . 4.12 -18.30 5.98
C1 EDO N . 28.97 9.55 18.67
O1 EDO N . 29.46 10.85 18.33
C2 EDO N . 29.08 8.63 17.47
O2 EDO N . 30.45 8.48 17.11
#